data_6Y18
#
_entry.id   6Y18
#
_cell.length_a   82.255
_cell.length_b   111.967
_cell.length_c   62.613
_cell.angle_alpha   90.000
_cell.angle_beta   90.000
_cell.angle_gamma   90.000
#
_symmetry.space_group_name_H-M   'C 2 2 21'
#
loop_
_entity.id
_entity.type
_entity.pdbx_description
1 polymer '14-3-3 protein sigma'
2 polymer 'Estrogen Related Receptor gamma phosphopeptide'
3 non-polymer 'MAGNESIUM ION'
4 non-polymer 'CHLORIDE ION'
5 non-polymer 4-fluoranyl-~{N}-methyl-~{N}-(2-sulfanylethyl)benzamide
6 water water
#
loop_
_entity_poly.entity_id
_entity_poly.type
_entity_poly.pdbx_seq_one_letter_code
_entity_poly.pdbx_strand_id
1 'polypeptide(L)'
;GAMGSMERASLIQKAKLAEQAERYEDMAAFMKGAVEKGEELSNEERNLLSVAYKNVVGGQRAAWRVLSSIEQKSNEEGSE
EKGPEVREYREKVETELQGVCDTVLGLLDSHLIKEAGDAESRVFYLKMKGDYYRYLAEVATGDDKKRIIDSARSAYQEAM
DISKKEMPPTNPIRLGLALNFSVFHYEIANSPEEAISLAKTTFDEAMADLHTLSEDSYKDSTLIMQLLRDNLTLWT
;
A
2 'polypeptide(L)' KRRRK(SEP)CQA B
#
loop_
_chem_comp.id
_chem_comp.type
_chem_comp.name
_chem_comp.formula
CL non-polymer 'CHLORIDE ION' 'Cl -1'
MG non-polymer 'MAGNESIUM ION' 'Mg 2'
O68 non-polymer 4-fluoranyl-~{N}-methyl-~{N}-(2-sulfanylethyl)benzamide 'C10 H12 F N O S'
#
# COMPACT_ATOMS: atom_id res chain seq x y z
N ALA A 2 -2.83 17.56 16.99
CA ALA A 2 -3.24 18.96 16.70
C ALA A 2 -4.68 19.03 16.20
N MET A 3 -5.28 17.87 15.89
CA MET A 3 -6.66 17.80 15.46
C MET A 3 -7.62 17.48 16.59
N GLY A 4 -7.14 17.39 17.82
CA GLY A 4 -7.98 16.97 18.91
C GLY A 4 -9.17 17.86 19.18
N SER A 5 -9.07 19.15 18.84
CA SER A 5 -10.16 20.08 19.09
C SER A 5 -11.16 20.17 17.96
N MET A 6 -10.95 19.48 16.84
CA MET A 6 -11.85 19.55 15.71
C MET A 6 -12.81 18.36 15.73
N GLU A 7 -14.07 18.63 15.43
CA GLU A 7 -15.09 17.58 15.35
C GLU A 7 -14.70 16.52 14.33
N ARG A 8 -15.03 15.27 14.64
CA ARG A 8 -14.82 14.18 13.71
C ARG A 8 -15.42 14.49 12.34
N ALA A 9 -16.68 14.93 12.31
CA ALA A 9 -17.33 15.16 11.02
C ALA A 9 -16.62 16.25 10.25
N SER A 10 -16.13 17.28 10.95
CA SER A 10 -15.42 18.36 10.28
C SER A 10 -14.09 17.89 9.70
N LEU A 11 -13.40 17.00 10.42
CA LEU A 11 -12.17 16.42 9.89
C LEU A 11 -12.44 15.64 8.62
N ILE A 12 -13.50 14.84 8.60
N ILE A 12 -13.51 14.85 8.59
CA ILE A 12 -13.86 14.09 7.40
CA ILE A 12 -13.82 14.11 7.37
C ILE A 12 -14.21 15.04 6.26
C ILE A 12 -14.20 15.05 6.24
N GLN A 13 -14.98 16.09 6.55
CA GLN A 13 -15.34 17.06 5.53
C GLN A 13 -14.10 17.73 4.95
N LYS A 14 -13.17 18.12 5.81
CA LYS A 14 -11.95 18.77 5.36
C LYS A 14 -11.03 17.81 4.64
N ALA A 15 -11.01 16.54 5.01
CA ALA A 15 -10.25 15.57 4.22
C ALA A 15 -10.76 15.53 2.79
N LYS A 16 -12.08 15.59 2.60
CA LYS A 16 -12.65 15.55 1.26
C LYS A 16 -12.30 16.81 0.50
N LEU A 17 -12.31 17.96 1.18
CA LEU A 17 -11.89 19.21 0.53
C LEU A 17 -10.41 19.17 0.16
N ALA A 18 -9.58 18.65 1.05
CA ALA A 18 -8.16 18.53 0.78
C ALA A 18 -7.92 17.63 -0.42
N GLU A 19 -8.67 16.54 -0.53
CA GLU A 19 -8.56 15.69 -1.73
C GLU A 19 -8.87 16.50 -2.99
N GLN A 20 -9.96 17.26 -2.97
CA GLN A 20 -10.32 18.04 -4.15
C GLN A 20 -9.24 19.03 -4.52
N ALA A 21 -8.55 19.59 -3.51
CA ALA A 21 -7.50 20.57 -3.71
C ALA A 21 -6.13 19.93 -3.92
N GLU A 22 -6.06 18.61 -3.97
CA GLU A 22 -4.80 17.88 -4.12
C GLU A 22 -3.79 18.24 -3.04
N ARG A 23 -4.28 18.42 -1.82
CA ARG A 23 -3.49 18.74 -0.63
C ARG A 23 -3.44 17.48 0.21
N TYR A 24 -2.61 16.52 -0.20
CA TYR A 24 -2.68 15.19 0.39
C TYR A 24 -2.03 15.12 1.76
N GLU A 25 -1.02 15.94 2.05
CA GLU A 25 -0.51 16.01 3.40
C GLU A 25 -1.59 16.47 4.36
N ASP A 26 -2.32 17.52 3.99
CA ASP A 26 -3.43 17.95 4.83
C ASP A 26 -4.47 16.85 4.96
N MET A 27 -4.81 16.21 3.84
CA MET A 27 -5.80 15.14 3.86
C MET A 27 -5.41 14.07 4.86
N ALA A 28 -4.14 13.68 4.85
CA ALA A 28 -3.68 12.65 5.76
C ALA A 28 -3.75 13.12 7.21
N ALA A 29 -3.36 14.37 7.48
CA ALA A 29 -3.46 14.88 8.84
C ALA A 29 -4.89 14.91 9.33
N PHE A 30 -5.83 15.30 8.47
CA PHE A 30 -7.23 15.29 8.86
C PHE A 30 -7.70 13.87 9.16
N MET A 31 -7.33 12.91 8.29
CA MET A 31 -7.77 11.53 8.51
C MET A 31 -7.12 10.90 9.73
N LYS A 32 -5.84 11.21 10.00
CA LYS A 32 -5.23 10.78 11.25
C LYS A 32 -6.01 11.31 12.45
N GLY A 33 -6.37 12.59 12.41
CA GLY A 33 -7.20 13.15 13.46
C GLY A 33 -8.50 12.40 13.60
N ALA A 34 -9.13 12.07 12.49
CA ALA A 34 -10.40 11.34 12.55
C ALA A 34 -10.22 9.97 13.17
N VAL A 35 -9.17 9.25 12.77
CA VAL A 35 -8.92 7.93 13.38
C VAL A 35 -8.72 8.08 14.88
N GLU A 36 -7.99 9.10 15.29
CA GLU A 36 -7.67 9.26 16.69
C GLU A 36 -8.87 9.62 17.54
N LYS A 37 -10.03 9.92 16.94
CA LYS A 37 -11.24 10.08 17.74
C LYS A 37 -11.66 8.77 18.39
N GLY A 38 -11.18 7.63 17.89
CA GLY A 38 -11.39 6.35 18.53
C GLY A 38 -12.56 5.54 18.00
N GLU A 39 -13.37 6.09 17.12
CA GLU A 39 -14.48 5.36 16.52
C GLU A 39 -14.01 4.60 15.29
N GLU A 40 -14.70 3.51 14.98
CA GLU A 40 -14.44 2.77 13.75
C GLU A 40 -14.70 3.66 12.54
N LEU A 41 -14.07 3.32 11.42
CA LEU A 41 -14.24 4.04 10.17
C LEU A 41 -15.23 3.31 9.29
N SER A 42 -16.04 4.06 8.59
CA SER A 42 -16.90 3.52 7.55
C SER A 42 -16.09 3.16 6.31
N ASN A 43 -16.74 2.52 5.33
CA ASN A 43 -16.06 2.18 4.08
C ASN A 43 -15.50 3.42 3.42
N GLU A 44 -16.31 4.46 3.31
CA GLU A 44 -15.85 5.68 2.66
C GLU A 44 -14.67 6.29 3.42
N GLU A 45 -14.74 6.29 4.75
CA GLU A 45 -13.67 6.88 5.55
C GLU A 45 -12.38 6.08 5.43
N ARG A 46 -12.47 4.74 5.38
CA ARG A 46 -11.26 3.94 5.16
C ARG A 46 -10.63 4.28 3.83
N ASN A 47 -11.45 4.50 2.81
CA ASN A 47 -10.90 4.86 1.50
C ASN A 47 -10.22 6.23 1.57
N LEU A 48 -10.79 7.17 2.32
CA LEU A 48 -10.14 8.47 2.43
C LEU A 48 -8.79 8.35 3.11
N LEU A 49 -8.72 7.54 4.17
CA LEU A 49 -7.46 7.34 4.87
C LEU A 49 -6.41 6.76 3.93
N SER A 50 -6.81 5.76 3.15
CA SER A 50 -5.89 5.11 2.24
C SER A 50 -5.44 6.05 1.13
N VAL A 51 -6.36 6.76 0.52
CA VAL A 51 -5.98 7.69 -0.55
C VAL A 51 -4.97 8.71 -0.03
N ALA A 52 -5.22 9.25 1.16
CA ALA A 52 -4.39 10.32 1.67
C ALA A 52 -2.95 9.83 1.85
N TYR A 53 -2.78 8.73 2.60
CA TYR A 53 -1.44 8.28 2.91
C TYR A 53 -0.77 7.66 1.70
N LYS A 54 -1.52 7.02 0.79
CA LYS A 54 -0.90 6.48 -0.41
C LYS A 54 -0.29 7.59 -1.25
N ASN A 55 -0.97 8.73 -1.34
CA ASN A 55 -0.43 9.86 -2.09
C ASN A 55 0.77 10.47 -1.41
N VAL A 56 0.72 10.63 -0.08
CA VAL A 56 1.89 11.17 0.63
C VAL A 56 3.09 10.25 0.45
N VAL A 57 2.95 8.98 0.81
N VAL A 57 2.94 8.97 0.78
CA VAL A 57 4.11 8.09 0.70
CA VAL A 57 4.07 8.06 0.72
C VAL A 57 4.51 7.91 -0.75
C VAL A 57 4.49 7.83 -0.73
N GLY A 58 3.56 7.95 -1.68
CA GLY A 58 3.91 7.76 -3.07
C GLY A 58 4.87 8.84 -3.54
N GLY A 59 4.63 10.08 -3.15
CA GLY A 59 5.56 11.14 -3.48
C GLY A 59 6.92 10.92 -2.85
N GLN A 60 6.94 10.47 -1.60
CA GLN A 60 8.21 10.19 -0.93
C GLN A 60 8.96 9.06 -1.60
N ARG A 61 8.26 7.99 -1.96
CA ARG A 61 8.91 6.85 -2.62
C ARG A 61 9.49 7.25 -3.96
N ALA A 62 8.74 8.03 -4.73
CA ALA A 62 9.26 8.46 -6.03
C ALA A 62 10.52 9.30 -5.84
N ALA A 63 10.51 10.19 -4.85
CA ALA A 63 11.68 11.03 -4.60
C ALA A 63 12.85 10.20 -4.13
N TRP A 64 12.60 9.25 -3.24
CA TRP A 64 13.64 8.35 -2.76
C TRP A 64 14.28 7.59 -3.92
N ARG A 65 13.48 7.11 -4.87
CA ARG A 65 14.04 6.36 -5.99
C ARG A 65 14.92 7.26 -6.86
N VAL A 66 14.51 8.51 -7.07
CA VAL A 66 15.34 9.44 -7.84
C VAL A 66 16.68 9.63 -7.15
N LEU A 67 16.65 9.89 -5.84
CA LEU A 67 17.86 10.16 -5.08
C LEU A 67 18.72 8.92 -4.96
N SER A 68 18.11 7.75 -4.77
N SER A 68 18.11 7.75 -4.78
CA SER A 68 18.87 6.51 -4.69
CA SER A 68 18.89 6.51 -4.69
C SER A 68 19.60 6.22 -5.98
C SER A 68 19.62 6.24 -5.99
N SER A 69 18.98 6.52 -7.12
CA SER A 69 19.65 6.31 -8.40
C SER A 69 20.83 7.24 -8.56
N ILE A 70 20.67 8.51 -8.18
CA ILE A 70 21.78 9.45 -8.25
C ILE A 70 22.92 8.98 -7.36
N GLU A 71 22.60 8.54 -6.15
CA GLU A 71 23.60 8.04 -5.22
C GLU A 71 24.31 6.83 -5.79
N GLN A 72 23.55 5.91 -6.40
CA GLN A 72 24.15 4.73 -7.01
C GLN A 72 25.13 5.12 -8.10
N LYS A 73 24.74 6.05 -8.97
N LYS A 73 24.74 6.05 -8.97
CA LYS A 73 25.64 6.50 -10.03
CA LYS A 73 25.63 6.51 -10.02
C LYS A 73 26.87 7.18 -9.44
C LYS A 73 26.88 7.15 -9.42
N SER A 74 26.70 7.89 -8.33
CA SER A 74 27.82 8.58 -7.68
C SER A 74 28.87 7.63 -7.17
N ASN A 75 28.51 6.37 -6.93
CA ASN A 75 29.42 5.38 -6.35
C ASN A 75 29.92 4.38 -7.38
N GLU A 76 29.84 4.71 -8.66
CA GLU A 76 30.41 3.87 -9.70
C GLU A 76 31.89 4.22 -9.90
N GLU A 77 32.64 3.26 -10.43
CA GLU A 77 34.00 3.53 -10.87
C GLU A 77 33.99 4.69 -11.86
N GLY A 78 34.94 5.61 -11.68
CA GLY A 78 35.05 6.75 -12.56
C GLY A 78 34.20 7.95 -12.18
N SER A 79 33.33 7.80 -11.18
CA SER A 79 32.52 8.92 -10.70
C SER A 79 33.38 9.84 -9.86
N GLU A 80 33.16 11.13 -9.98
CA GLU A 80 33.92 12.04 -9.13
C GLU A 80 33.22 12.22 -7.79
N GLU A 81 34.02 12.29 -6.73
CA GLU A 81 33.53 12.46 -5.38
C GLU A 81 32.82 13.81 -5.26
N LYS A 82 31.55 13.77 -4.90
CA LYS A 82 30.76 14.98 -4.74
C LYS A 82 30.43 15.26 -3.29
N GLY A 83 31.00 14.49 -2.36
CA GLY A 83 30.79 14.73 -0.95
C GLY A 83 29.60 13.95 -0.41
N PRO A 84 29.23 14.24 0.84
CA PRO A 84 28.18 13.47 1.51
C PRO A 84 26.76 13.91 1.17
N GLU A 85 26.58 14.93 0.34
CA GLU A 85 25.28 15.58 0.24
C GLU A 85 24.20 14.67 -0.36
N VAL A 86 24.54 13.86 -1.37
CA VAL A 86 23.52 13.00 -1.97
C VAL A 86 23.03 11.99 -0.96
N ARG A 87 23.95 11.33 -0.26
CA ARG A 87 23.59 10.38 0.79
C ARG A 87 22.77 11.06 1.87
N GLU A 88 23.21 12.24 2.31
CA GLU A 88 22.50 12.92 3.38
C GLU A 88 21.07 13.22 2.98
N TYR A 89 20.88 13.70 1.76
CA TYR A 89 19.54 14.09 1.33
C TYR A 89 18.65 12.86 1.08
N ARG A 90 19.22 11.81 0.49
CA ARG A 90 18.49 10.55 0.39
C ARG A 90 18.08 10.07 1.78
N GLU A 91 18.97 10.16 2.76
N GLU A 91 18.97 10.16 2.76
CA GLU A 91 18.67 9.74 4.12
CA GLU A 91 18.65 9.74 4.11
C GLU A 91 17.55 10.59 4.72
C GLU A 91 17.54 10.59 4.71
N LYS A 92 17.55 11.89 4.43
CA LYS A 92 16.50 12.76 4.95
C LYS A 92 15.14 12.33 4.41
N VAL A 93 15.05 12.14 3.11
CA VAL A 93 13.81 11.69 2.50
C VAL A 93 13.41 10.32 3.04
N GLU A 94 14.39 9.42 3.17
CA GLU A 94 14.12 8.08 3.69
C GLU A 94 13.55 8.13 5.09
N THR A 95 14.11 8.98 5.95
CA THR A 95 13.65 9.07 7.33
C THR A 95 12.23 9.61 7.38
N GLU A 96 11.93 10.60 6.53
N GLU A 96 11.90 10.57 6.50
CA GLU A 96 10.56 11.13 6.46
CA GLU A 96 10.55 11.11 6.49
C GLU A 96 9.59 10.03 6.02
C GLU A 96 9.55 10.08 5.96
N LEU A 97 9.97 9.30 4.96
CA LEU A 97 9.16 8.18 4.48
C LEU A 97 8.91 7.15 5.57
N GLN A 98 9.97 6.76 6.28
CA GLN A 98 9.82 5.82 7.37
C GLN A 98 8.88 6.37 8.43
N GLY A 99 8.96 7.66 8.70
CA GLY A 99 8.07 8.26 9.67
C GLY A 99 6.61 8.17 9.26
N VAL A 100 6.31 8.39 8.00
CA VAL A 100 4.94 8.25 7.53
C VAL A 100 4.49 6.80 7.66
N CYS A 101 5.34 5.85 7.26
CA CYS A 101 4.95 4.45 7.38
C CYS A 101 4.70 4.09 8.82
N ASP A 102 5.58 4.53 9.72
CA ASP A 102 5.39 4.24 11.15
C ASP A 102 4.09 4.86 11.68
N THR A 103 3.75 6.04 11.19
CA THR A 103 2.48 6.68 11.60
C THR A 103 1.29 5.84 11.17
N VAL A 104 1.27 5.39 9.92
CA VAL A 104 0.15 4.58 9.44
C VAL A 104 0.08 3.28 10.23
N LEU A 105 1.23 2.60 10.38
CA LEU A 105 1.25 1.35 11.13
C LEU A 105 0.79 1.58 12.55
N GLY A 106 1.13 2.75 13.12
CA GLY A 106 0.68 3.05 14.47
C GLY A 106 -0.83 3.22 14.56
N LEU A 107 -1.44 3.84 13.56
CA LEU A 107 -2.89 3.94 13.56
C LEU A 107 -3.53 2.57 13.44
N LEU A 108 -2.98 1.72 12.59
CA LEU A 108 -3.53 0.38 12.42
C LEU A 108 -3.43 -0.40 13.72
N ASP A 109 -2.33 -0.24 14.45
CA ASP A 109 -2.12 -0.97 15.69
C ASP A 109 -2.85 -0.35 16.87
N SER A 110 -3.29 0.89 16.76
CA SER A 110 -3.88 1.63 17.88
C SER A 110 -5.03 2.50 17.36
N HIS A 111 -6.20 1.91 17.08
CA HIS A 111 -6.57 0.51 17.36
C HIS A 111 -7.44 -0.01 16.24
N LEU A 112 -7.13 0.36 15.00
CA LEU A 112 -8.06 0.05 13.91
C LEU A 112 -8.21 -1.45 13.70
N ILE A 113 -7.10 -2.17 13.64
CA ILE A 113 -7.21 -3.60 13.33
C ILE A 113 -7.95 -4.35 14.42
N LYS A 114 -7.64 -4.06 15.68
CA LYS A 114 -8.23 -4.88 16.73
C LYS A 114 -9.73 -4.69 16.82
N GLU A 115 -10.27 -3.54 16.38
N GLU A 115 -10.28 -3.56 16.37
CA GLU A 115 -11.71 -3.29 16.40
CA GLU A 115 -11.73 -3.35 16.42
C GLU A 115 -12.43 -3.73 15.13
C GLU A 115 -12.43 -3.75 15.13
N ALA A 116 -11.68 -4.15 14.10
CA ALA A 116 -12.24 -4.47 12.79
C ALA A 116 -12.63 -5.94 12.75
N GLY A 117 -13.94 -6.18 12.72
CA GLY A 117 -14.48 -7.54 12.73
C GLY A 117 -15.07 -7.98 11.42
N ASP A 118 -15.59 -7.08 10.61
CA ASP A 118 -16.14 -7.47 9.33
C ASP A 118 -15.01 -7.71 8.35
N ALA A 119 -15.20 -8.63 7.41
CA ALA A 119 -14.13 -8.94 6.47
C ALA A 119 -13.69 -7.71 5.69
N GLU A 120 -14.63 -6.85 5.31
CA GLU A 120 -14.26 -5.73 4.45
C GLU A 120 -13.33 -4.77 5.18
N SER A 121 -13.53 -4.58 6.48
CA SER A 121 -12.65 -3.68 7.20
C SER A 121 -11.35 -4.38 7.57
N ARG A 122 -11.44 -5.61 8.06
CA ARG A 122 -10.25 -6.31 8.52
C ARG A 122 -9.27 -6.57 7.40
N VAL A 123 -9.76 -7.07 6.26
CA VAL A 123 -8.89 -7.30 5.11
C VAL A 123 -8.28 -5.97 4.63
N PHE A 124 -9.08 -4.92 4.57
CA PHE A 124 -8.58 -3.61 4.17
C PHE A 124 -7.41 -3.18 5.04
N TYR A 125 -7.57 -3.28 6.36
CA TYR A 125 -6.52 -2.80 7.27
C TYR A 125 -5.29 -3.69 7.22
N LEU A 126 -5.48 -5.01 7.13
CA LEU A 126 -4.33 -5.90 7.05
C LEU A 126 -3.57 -5.72 5.73
N LYS A 127 -4.29 -5.50 4.63
CA LYS A 127 -3.64 -5.11 3.38
C LYS A 127 -2.80 -3.86 3.59
N MET A 128 -3.37 -2.85 4.25
N MET A 128 -3.37 -2.85 4.25
CA MET A 128 -2.63 -1.62 4.48
CA MET A 128 -2.64 -1.61 4.49
C MET A 128 -1.38 -1.88 5.30
C MET A 128 -1.39 -1.89 5.31
N LYS A 129 -1.50 -2.72 6.34
CA LYS A 129 -0.33 -3.06 7.14
C LYS A 129 0.75 -3.71 6.27
N GLY A 130 0.35 -4.66 5.40
CA GLY A 130 1.31 -5.23 4.49
C GLY A 130 1.94 -4.19 3.58
N ASP A 131 1.13 -3.28 3.06
CA ASP A 131 1.64 -2.25 2.17
C ASP A 131 2.70 -1.38 2.85
N TYR A 132 2.43 -0.91 4.07
CA TYR A 132 3.37 0.03 4.71
C TYR A 132 4.61 -0.68 5.21
N TYR A 133 4.52 -1.95 5.60
CA TYR A 133 5.74 -2.72 5.82
C TYR A 133 6.49 -2.92 4.50
N ARG A 134 5.78 -3.13 3.40
CA ARG A 134 6.45 -3.25 2.11
C ARG A 134 7.21 -1.97 1.77
N TYR A 135 6.61 -0.80 2.01
CA TYR A 135 7.34 0.44 1.74
C TYR A 135 8.56 0.58 2.65
N LEU A 136 8.45 0.16 3.91
CA LEU A 136 9.64 0.11 4.77
C LEU A 136 10.68 -0.84 4.19
N ALA A 137 10.25 -1.98 3.66
CA ALA A 137 11.18 -2.95 3.11
C ALA A 137 11.90 -2.42 1.89
N GLU A 138 11.25 -1.57 1.11
CA GLU A 138 11.87 -1.02 -0.08
C GLU A 138 13.15 -0.25 0.24
N VAL A 139 13.23 0.36 1.43
CA VAL A 139 14.37 1.20 1.81
C VAL A 139 15.25 0.54 2.86
N ALA A 140 14.90 -0.65 3.32
CA ALA A 140 15.61 -1.28 4.43
C ALA A 140 16.91 -1.92 3.95
N THR A 141 17.94 -1.79 4.79
CA THR A 141 19.28 -2.31 4.53
C THR A 141 19.92 -2.99 5.74
N GLY A 142 19.32 -2.95 6.93
CA GLY A 142 20.01 -3.27 8.16
C GLY A 142 19.59 -4.60 8.76
N ASP A 143 19.89 -4.74 10.06
CA ASP A 143 19.70 -6.02 10.75
C ASP A 143 18.24 -6.47 10.78
N ASP A 144 17.29 -5.54 10.66
CA ASP A 144 15.88 -5.87 10.78
C ASP A 144 15.19 -6.04 9.42
N LYS A 145 15.93 -5.98 8.32
CA LYS A 145 15.29 -6.03 7.00
C LYS A 145 14.50 -7.32 6.81
N LYS A 146 15.07 -8.45 7.21
CA LYS A 146 14.32 -9.70 7.07
C LYS A 146 13.07 -9.66 7.91
N ARG A 147 13.14 -9.07 9.11
CA ARG A 147 11.96 -8.99 9.96
C ARG A 147 10.93 -8.04 9.35
N ILE A 148 11.36 -6.96 8.69
CA ILE A 148 10.41 -6.07 8.04
C ILE A 148 9.69 -6.80 6.93
N ILE A 149 10.44 -7.54 6.11
CA ILE A 149 9.84 -8.30 5.03
C ILE A 149 8.86 -9.33 5.58
N ASP A 150 9.25 -10.01 6.67
CA ASP A 150 8.35 -11.00 7.22
C ASP A 150 7.09 -10.37 7.79
N SER A 151 7.19 -9.15 8.34
CA SER A 151 6.01 -8.47 8.84
C SER A 151 5.05 -8.14 7.71
N ALA A 152 5.58 -7.70 6.58
CA ALA A 152 4.71 -7.46 5.42
C ALA A 152 4.04 -8.75 4.99
N ARG A 153 4.83 -9.82 4.85
N ARG A 153 4.83 -9.82 4.85
CA ARG A 153 4.30 -11.12 4.41
CA ARG A 153 4.31 -11.11 4.42
C ARG A 153 3.20 -11.58 5.35
C ARG A 153 3.20 -11.58 5.35
N SER A 154 3.43 -11.48 6.65
CA SER A 154 2.47 -12.00 7.61
C SER A 154 1.15 -11.26 7.54
N ALA A 155 1.19 -9.93 7.40
CA ALA A 155 -0.03 -9.15 7.29
C ALA A 155 -0.78 -9.49 6.00
N TYR A 156 -0.06 -9.55 4.88
CA TYR A 156 -0.69 -9.92 3.62
C TYR A 156 -1.31 -11.31 3.71
N GLN A 157 -0.61 -12.25 4.36
CA GLN A 157 -1.10 -13.62 4.42
C GLN A 157 -2.37 -13.72 5.24
N GLU A 158 -2.43 -13.03 6.38
CA GLU A 158 -3.66 -13.03 7.16
C GLU A 158 -4.81 -12.41 6.36
N ALA A 159 -4.54 -11.33 5.64
CA ALA A 159 -5.57 -10.70 4.82
C ALA A 159 -6.03 -11.65 3.73
N MET A 160 -5.10 -12.36 3.08
N MET A 160 -5.10 -12.35 3.09
CA MET A 160 -5.47 -13.31 2.04
CA MET A 160 -5.41 -13.33 2.06
C MET A 160 -6.33 -14.42 2.60
C MET A 160 -6.31 -14.42 2.61
N ASP A 161 -5.96 -14.96 3.76
CA ASP A 161 -6.72 -16.07 4.34
C ASP A 161 -8.15 -15.65 4.60
N ILE A 162 -8.35 -14.45 5.17
CA ILE A 162 -9.70 -13.96 5.44
C ILE A 162 -10.44 -13.72 4.12
N SER A 163 -9.76 -13.08 3.17
CA SER A 163 -10.43 -12.71 1.93
C SER A 163 -10.91 -13.93 1.17
N LYS A 164 -10.13 -15.01 1.18
CA LYS A 164 -10.53 -16.21 0.46
C LYS A 164 -11.72 -16.88 1.13
N LYS A 165 -11.81 -16.79 2.45
N LYS A 165 -11.83 -16.77 2.45
CA LYS A 165 -12.93 -17.42 3.16
CA LYS A 165 -12.91 -17.42 3.18
C LYS A 165 -14.20 -16.58 3.07
C LYS A 165 -14.19 -16.58 3.17
N GLU A 166 -14.08 -15.25 3.13
CA GLU A 166 -15.22 -14.39 3.37
C GLU A 166 -15.66 -13.49 2.22
N MET A 167 -14.88 -13.38 1.15
CA MET A 167 -15.22 -12.49 0.06
C MET A 167 -15.27 -13.25 -1.25
N PRO A 168 -16.10 -12.80 -2.19
CA PRO A 168 -16.07 -13.41 -3.53
C PRO A 168 -14.80 -13.04 -4.25
N PRO A 169 -14.42 -13.84 -5.25
CA PRO A 169 -13.15 -13.62 -5.94
C PRO A 169 -13.09 -12.34 -6.72
N THR A 170 -14.23 -11.69 -6.97
CA THR A 170 -14.26 -10.40 -7.66
C THR A 170 -14.27 -9.21 -6.73
N ASN A 171 -14.32 -9.41 -5.42
CA ASN A 171 -14.38 -8.28 -4.50
C ASN A 171 -13.17 -7.36 -4.73
N PRO A 172 -13.38 -6.05 -4.94
CA PRO A 172 -12.23 -5.17 -5.24
C PRO A 172 -11.15 -5.14 -4.16
N ILE A 173 -11.51 -5.26 -2.89
CA ILE A 173 -10.50 -5.27 -1.84
C ILE A 173 -9.66 -6.53 -1.98
N ARG A 174 -10.31 -7.68 -2.16
CA ARG A 174 -9.61 -8.93 -2.36
C ARG A 174 -8.69 -8.85 -3.57
N LEU A 175 -9.18 -8.26 -4.66
CA LEU A 175 -8.35 -8.15 -5.86
C LEU A 175 -7.15 -7.23 -5.62
N GLY A 176 -7.38 -6.07 -4.99
CA GLY A 176 -6.26 -5.15 -4.76
C GLY A 176 -5.23 -5.71 -3.81
N LEU A 177 -5.69 -6.48 -2.83
CA LEU A 177 -4.79 -7.19 -1.93
C LEU A 177 -3.93 -8.16 -2.71
N ALA A 178 -4.55 -8.98 -3.57
CA ALA A 178 -3.79 -9.97 -4.34
C ALA A 178 -2.80 -9.28 -5.27
N LEU A 179 -3.21 -8.18 -5.91
CA LEU A 179 -2.30 -7.41 -6.74
C LEU A 179 -1.06 -7.00 -5.95
N ASN A 180 -1.28 -6.45 -4.76
CA ASN A 180 -0.16 -5.91 -3.98
C ASN A 180 0.69 -7.01 -3.40
N PHE A 181 0.09 -8.13 -2.96
CA PHE A 181 0.88 -9.24 -2.45
C PHE A 181 1.71 -9.84 -3.57
N SER A 182 1.15 -9.88 -4.79
N SER A 182 1.15 -9.88 -4.80
CA SER A 182 1.92 -10.36 -5.92
CA SER A 182 1.94 -10.36 -5.92
C SER A 182 3.13 -9.45 -6.19
C SER A 182 3.13 -9.46 -6.19
N VAL A 183 2.93 -8.14 -6.11
CA VAL A 183 4.07 -7.22 -6.23
C VAL A 183 5.09 -7.45 -5.12
N PHE A 184 4.64 -7.61 -3.89
CA PHE A 184 5.53 -7.99 -2.80
C PHE A 184 6.38 -9.19 -3.19
N HIS A 185 5.73 -10.28 -3.67
CA HIS A 185 6.50 -11.46 -4.04
C HIS A 185 7.54 -11.13 -5.10
N TYR A 186 7.16 -10.37 -6.11
CA TYR A 186 8.03 -10.11 -7.25
C TYR A 186 9.21 -9.21 -6.85
N GLU A 187 8.94 -8.12 -6.14
CA GLU A 187 9.89 -7.03 -5.92
C GLU A 187 10.63 -7.12 -4.62
N ILE A 188 10.02 -7.67 -3.59
CA ILE A 188 10.55 -7.65 -2.25
C ILE A 188 11.08 -9.01 -1.85
N ALA A 189 10.30 -10.07 -2.10
CA ALA A 189 10.65 -11.40 -1.64
C ALA A 189 11.45 -12.21 -2.65
N ASN A 190 11.81 -11.63 -3.78
N ASN A 190 11.78 -11.62 -3.79
CA ASN A 190 12.58 -12.34 -4.80
CA ASN A 190 12.56 -12.31 -4.82
C ASN A 190 11.91 -13.64 -5.22
C ASN A 190 11.91 -13.64 -5.21
N SER A 191 10.59 -13.59 -5.36
CA SER A 191 9.77 -14.77 -5.69
C SER A 191 8.93 -14.47 -6.91
N PRO A 192 9.54 -14.25 -8.07
CA PRO A 192 8.74 -13.91 -9.25
C PRO A 192 7.77 -15.01 -9.64
N GLU A 193 8.10 -16.28 -9.47
CA GLU A 193 7.15 -17.33 -9.83
C GLU A 193 5.91 -17.28 -8.96
N GLU A 194 6.07 -17.04 -7.66
CA GLU A 194 4.92 -16.91 -6.77
C GLU A 194 4.08 -15.70 -7.18
N ALA A 195 4.74 -14.61 -7.53
CA ALA A 195 4.04 -13.41 -7.96
C ALA A 195 3.18 -13.67 -9.18
N ILE A 196 3.76 -14.35 -10.17
CA ILE A 196 3.04 -14.67 -11.40
C ILE A 196 1.90 -15.64 -11.13
N SER A 197 2.16 -16.69 -10.35
N SER A 197 2.17 -16.69 -10.36
CA SER A 197 1.11 -17.65 -10.04
CA SER A 197 1.12 -17.64 -10.04
C SER A 197 -0.05 -16.98 -9.32
C SER A 197 -0.05 -16.96 -9.34
N LEU A 198 0.25 -16.11 -8.36
CA LEU A 198 -0.81 -15.44 -7.63
C LEU A 198 -1.62 -14.52 -8.55
N ALA A 199 -0.94 -13.74 -9.37
CA ALA A 199 -1.67 -12.86 -10.28
C ALA A 199 -2.56 -13.64 -11.23
N LYS A 200 -2.05 -14.74 -11.79
N LYS A 200 -2.04 -14.76 -11.76
CA LYS A 200 -2.83 -15.51 -12.75
CA LYS A 200 -2.79 -15.59 -12.70
C LYS A 200 -4.02 -16.22 -12.08
C LYS A 200 -4.03 -16.18 -12.05
N THR A 201 -3.80 -16.83 -10.93
N THR A 201 -3.85 -16.87 -10.92
CA THR A 201 -4.91 -17.50 -10.25
CA THR A 201 -5.01 -17.51 -10.29
C THR A 201 -5.98 -16.48 -9.85
C THR A 201 -6.02 -16.47 -9.84
N THR A 202 -5.55 -15.33 -9.34
CA THR A 202 -6.50 -14.29 -8.95
C THR A 202 -7.30 -13.82 -10.15
N PHE A 203 -6.62 -13.55 -11.27
CA PHE A 203 -7.32 -13.11 -12.47
C PHE A 203 -8.34 -14.13 -12.93
N ASP A 204 -7.93 -15.40 -12.98
CA ASP A 204 -8.79 -16.43 -13.54
C ASP A 204 -10.00 -16.68 -12.65
N GLU A 205 -9.81 -16.66 -11.33
CA GLU A 205 -10.92 -16.89 -10.43
C GLU A 205 -11.90 -15.71 -10.46
N ALA A 206 -11.38 -14.51 -10.65
CA ALA A 206 -12.27 -13.36 -10.79
C ALA A 206 -13.05 -13.44 -12.10
N MET A 207 -12.39 -13.78 -13.19
CA MET A 207 -13.06 -13.92 -14.48
C MET A 207 -14.27 -14.82 -14.38
N ALA A 208 -14.12 -15.95 -13.68
CA ALA A 208 -15.18 -16.95 -13.59
C ALA A 208 -16.34 -16.48 -12.74
N ASP A 209 -16.19 -15.43 -11.96
CA ASP A 209 -17.24 -14.91 -11.07
C ASP A 209 -17.87 -13.63 -11.61
N LEU A 210 -17.36 -13.09 -12.72
CA LEU A 210 -17.91 -11.85 -13.25
C LEU A 210 -19.39 -11.98 -13.60
N HIS A 211 -19.84 -13.18 -13.97
CA HIS A 211 -21.21 -13.37 -14.43
C HIS A 211 -22.22 -13.05 -13.34
N THR A 212 -21.79 -13.02 -12.07
CA THR A 212 -22.69 -12.78 -10.97
C THR A 212 -22.94 -11.30 -10.71
N LEU A 213 -22.23 -10.41 -11.38
CA LEU A 213 -22.14 -9.01 -11.00
C LEU A 213 -23.04 -8.11 -11.83
N SER A 214 -23.47 -7.02 -11.21
CA SER A 214 -24.09 -5.92 -11.92
C SER A 214 -23.09 -5.23 -12.83
N GLU A 215 -23.60 -4.36 -13.71
CA GLU A 215 -22.73 -3.60 -14.59
C GLU A 215 -21.71 -2.78 -13.80
N ASP A 216 -22.14 -2.12 -12.74
CA ASP A 216 -21.22 -1.25 -12.01
C ASP A 216 -20.16 -2.06 -11.27
N SER A 217 -20.56 -3.17 -10.66
CA SER A 217 -19.56 -4.02 -9.99
C SER A 217 -18.61 -4.65 -11.00
N TYR A 218 -19.14 -5.03 -12.16
CA TYR A 218 -18.30 -5.55 -13.23
C TYR A 218 -17.22 -4.57 -13.60
N LYS A 219 -17.60 -3.30 -13.75
N LYS A 219 -17.60 -3.30 -13.75
CA LYS A 219 -16.62 -2.25 -14.05
CA LYS A 219 -16.62 -2.25 -14.05
C LYS A 219 -15.56 -2.18 -12.96
C LYS A 219 -15.56 -2.17 -12.96
N ASP A 220 -15.99 -2.18 -11.70
CA ASP A 220 -15.03 -2.09 -10.60
C ASP A 220 -14.04 -3.25 -10.63
N SER A 221 -14.56 -4.47 -10.79
CA SER A 221 -13.69 -5.65 -10.72
C SER A 221 -12.77 -5.73 -11.93
N THR A 222 -13.30 -5.48 -13.12
CA THR A 222 -12.47 -5.62 -14.32
C THR A 222 -11.35 -4.59 -14.34
N LEU A 223 -11.57 -3.42 -13.73
CA LEU A 223 -10.49 -2.44 -13.68
C LEU A 223 -9.28 -3.00 -12.96
N ILE A 224 -9.49 -3.66 -11.83
CA ILE A 224 -8.37 -4.21 -11.06
C ILE A 224 -7.82 -5.44 -11.74
N MET A 225 -8.69 -6.24 -12.36
CA MET A 225 -8.20 -7.36 -13.14
C MET A 225 -7.22 -6.90 -14.22
N GLN A 226 -7.49 -5.75 -14.85
CA GLN A 226 -6.57 -5.24 -15.86
C GLN A 226 -5.20 -4.92 -15.27
N LEU A 227 -5.16 -4.44 -14.02
CA LEU A 227 -3.88 -4.20 -13.37
C LEU A 227 -3.12 -5.51 -13.19
N LEU A 228 -3.82 -6.58 -12.80
CA LEU A 228 -3.19 -7.89 -12.71
C LEU A 228 -2.63 -8.30 -14.07
N ARG A 229 -3.42 -8.11 -15.12
CA ARG A 229 -2.98 -8.47 -16.47
C ARG A 229 -1.78 -7.62 -16.89
N ASP A 230 -1.80 -6.33 -16.57
CA ASP A 230 -0.65 -5.49 -16.89
C ASP A 230 0.62 -6.05 -16.29
N ASN A 231 0.56 -6.50 -15.04
CA ASN A 231 1.76 -7.05 -14.41
C ASN A 231 2.15 -8.37 -15.06
N LEU A 232 1.17 -9.22 -15.35
CA LEU A 232 1.50 -10.48 -16.01
C LEU A 232 2.16 -10.24 -17.36
N THR A 233 1.70 -9.23 -18.10
CA THR A 233 2.33 -8.92 -19.38
C THR A 233 3.75 -8.40 -19.19
N LEU A 234 3.97 -7.58 -18.17
CA LEU A 234 5.31 -7.08 -17.91
C LEU A 234 6.25 -8.19 -17.47
N TRP A 235 5.76 -9.18 -16.75
CA TRP A 235 6.59 -10.17 -16.07
C TRP A 235 6.80 -11.44 -16.87
N THR A 236 6.06 -11.62 -17.97
CA THR A 236 6.14 -12.84 -18.76
C THR A 236 6.35 -12.51 -20.22
N ARG B 2 7.89 1.39 -18.14
CA ARG B 2 6.78 0.51 -17.79
C ARG B 2 6.95 -0.03 -16.38
N ARG B 3 6.37 0.68 -15.39
CA ARG B 3 6.47 0.29 -14.00
C ARG B 3 5.29 -0.60 -13.62
N ARG B 4 5.59 -1.68 -12.89
CA ARG B 4 4.54 -2.60 -12.48
C ARG B 4 3.46 -1.87 -11.69
N LYS B 5 2.25 -2.41 -11.76
CA LYS B 5 1.13 -1.80 -11.08
C LYS B 5 0.95 -2.30 -9.65
N SEP B 6 0.67 -1.37 -8.74
CA SEP B 6 0.12 -1.75 -7.45
CB SEP B 6 1.11 -1.50 -6.29
OG SEP B 6 1.39 -0.11 -6.19
C SEP B 6 -1.19 -1.00 -7.29
O SEP B 6 -1.57 -0.21 -8.15
P SEP B 6 2.28 0.35 -4.95
O1P SEP B 6 2.37 1.91 -5.13
O2P SEP B 6 1.54 0.02 -3.59
O3P SEP B 6 3.72 -0.30 -5.06
HB2 SEP B 6 1.93 -1.98 -6.47
HB3 SEP B 6 0.71 -1.81 -5.46
N CYS B 7 -1.90 -1.26 -6.20
CA CYS B 7 -3.28 -0.82 -6.05
C CYS B 7 -3.31 0.65 -5.66
N GLN B 8 -3.69 1.49 -6.62
CA GLN B 8 -3.75 2.93 -6.39
C GLN B 8 -5.19 3.40 -6.25
MG MG C . -18.86 -12.29 2.43
CL CL D . 19.79 16.89 3.90
C02 O68 E . -6.77 -0.29 -7.31
C03 O68 E . -7.62 0.61 -6.41
C05 O68 E . -9.71 0.56 -7.80
C06 O68 E . -9.76 -0.28 -5.43
C08 O68 E . -9.10 -0.58 -4.09
C09 O68 E . -8.65 0.47 -3.30
C10 O68 E . -8.05 0.22 -2.07
C11 O68 E . -7.92 -1.09 -1.64
C13 O68 E . -8.38 -2.14 -2.42
C14 O68 E . -8.97 -1.89 -3.65
F12 O68 E . -7.34 -1.34 -0.42
N04 O68 E . -9.02 0.30 -6.54
O07 O68 E . -10.91 -0.55 -5.56
S01 O68 E . -6.54 -1.92 -6.52
#